data_8BZT
#
_entry.id   8BZT
#
_cell.length_a   81.561
_cell.length_b   111.572
_cell.length_c   62.495
_cell.angle_alpha   90.00
_cell.angle_beta   90.00
_cell.angle_gamma   90.00
#
_symmetry.space_group_name_H-M   'C 2 2 21'
#
loop_
_entity.id
_entity.type
_entity.pdbx_description
1 polymer '14-3-3 protein sigma'
2 polymer 'ERalpha peptide'
3 non-polymer 'MAGNESIUM ION'
4 non-polymer ~{N}-[(2~{S})-2-[(1~{E},3~{R},4~{S},8~{R},9~{R},10~{R},11~{S},14~{S})-14-(methoxymethyl)-3,10-dimethyl-4,8,9-tris(oxidanyl)-6-tricyclo[9.3.0.0^{3,7}]tetradeca-1,6-dienyl]propyl]ethanamide
5 water water
#
loop_
_entity_poly.entity_id
_entity_poly.type
_entity_poly.pdbx_seq_one_letter_code
_entity_poly.pdbx_strand_id
1 'polypeptide(L)'
;GAMGSMERASLIQKAKLAEQAERYEDMAAFMKGAVEKGEELSCEERNLLSVAYKNVVGGQRAAWRVLSSIEQKSNEEGSE
EKGPEVREYREKVETELQGVCDTVLGLLDSHLIKEAGDAESRVFYLKMKGDYYRYLAEVATGDDKKRIIDSARSAYQEAM
DISKKEMPPTNPIRLGLALNFSVFHYEIANSPEEAISLAKTTFDEAMADLHTLSEDSYKDSTLIMQLLRDNLTLWT
;
A
2 'polypeptide(L)' FPA(TPO)V B
#
loop_
_chem_comp.id
_chem_comp.type
_chem_comp.name
_chem_comp.formula
MG non-polymer 'MAGNESIUM ION' 'Mg 2'
SKR non-polymer ~{N}-[(2~{S})-2-[(1~{E},3~{R},4~{S},8~{R},9~{R},10~{R},11~{S},14~{S})-14-(methoxymethyl)-3,10-dimethyl-4,8,9-tris(oxidanyl)-6-tricyclo[9.3.0.0^{3,7}]tetradeca-1,6-dienyl]propyl]ethanamide 'C23 H37 N O5'
#
# COMPACT_ATOMS: atom_id res chain seq x y z
N GLY A 1 12.61 -20.29 -3.38
CA GLY A 1 13.88 -19.57 -3.10
C GLY A 1 14.50 -20.04 -1.80
N ALA A 2 15.05 -19.10 -1.03
CA ALA A 2 15.80 -19.48 0.17
C ALA A 2 14.91 -19.95 1.31
N MET A 3 13.62 -19.68 1.26
CA MET A 3 12.63 -20.27 2.16
C MET A 3 11.99 -21.55 1.70
N GLY A 4 12.46 -22.14 0.60
CA GLY A 4 11.81 -23.29 0.05
C GLY A 4 11.91 -24.51 0.93
N SER A 5 12.92 -24.59 1.77
CA SER A 5 13.06 -25.73 2.64
C SER A 5 12.33 -25.58 3.97
N MET A 6 11.73 -24.44 4.26
CA MET A 6 11.14 -24.24 5.57
C MET A 6 9.64 -24.46 5.47
N GLU A 7 9.09 -25.15 6.48
CA GLU A 7 7.66 -25.39 6.54
C GLU A 7 6.86 -24.10 6.47
N ARG A 8 5.71 -24.17 5.79
CA ARG A 8 4.81 -23.01 5.74
C ARG A 8 4.46 -22.51 7.14
N ALA A 9 4.10 -23.42 8.06
CA ALA A 9 3.68 -22.96 9.39
C ALA A 9 4.83 -22.28 10.11
N SER A 10 6.05 -22.78 9.89
CA SER A 10 7.24 -22.19 10.49
C SER A 10 7.52 -20.80 9.94
N LEU A 11 7.32 -20.62 8.63
CA LEU A 11 7.46 -19.28 8.05
C LEU A 11 6.45 -18.31 8.65
N ILE A 12 5.19 -18.72 8.78
CA ILE A 12 4.19 -17.87 9.41
C ILE A 12 4.58 -17.56 10.84
N GLN A 13 4.99 -18.59 11.59
CA GLN A 13 5.45 -18.36 12.96
C GLN A 13 6.58 -17.35 13.01
N LYS A 14 7.56 -17.50 12.12
CA LYS A 14 8.69 -16.60 12.17
C LYS A 14 8.32 -15.21 11.69
N ALA A 15 7.38 -15.08 10.75
CA ALA A 15 6.88 -13.76 10.38
C ALA A 15 6.31 -13.03 11.59
N LYS A 16 5.58 -13.76 12.45
CA LYS A 16 5.02 -13.12 13.64
C LYS A 16 6.12 -12.72 14.62
N LEU A 17 7.14 -13.56 14.76
CA LEU A 17 8.28 -13.21 15.60
C LEU A 17 9.02 -11.99 15.06
N ALA A 18 9.22 -11.94 13.74
CA ALA A 18 9.91 -10.80 13.15
C ALA A 18 9.12 -9.53 13.38
N GLU A 19 7.80 -9.60 13.28
CA GLU A 19 6.98 -8.43 13.55
C GLU A 19 7.19 -7.94 14.99
N GLN A 20 7.20 -8.86 15.95
CA GLN A 20 7.37 -8.52 17.35
C GLN A 20 8.72 -7.85 17.57
N ALA A 21 9.72 -8.28 16.82
CA ALA A 21 11.08 -7.77 16.88
C ALA A 21 11.29 -6.56 15.96
N GLU A 22 10.26 -6.11 15.23
CA GLU A 22 10.38 -4.98 14.31
C GLU A 22 11.46 -5.23 13.26
N ARG A 23 11.53 -6.47 12.80
CA ARG A 23 12.44 -6.90 11.75
C ARG A 23 11.64 -7.11 10.47
N TYR A 24 11.25 -6.01 9.85
CA TYR A 24 10.25 -6.09 8.79
C TYR A 24 10.80 -6.69 7.50
N GLU A 25 12.09 -6.48 7.20
CA GLU A 25 12.67 -7.15 6.04
C GLU A 25 12.59 -8.66 6.21
N ASP A 26 12.99 -9.17 7.39
CA ASP A 26 12.83 -10.59 7.65
C ASP A 26 11.37 -11.00 7.54
N MET A 27 10.47 -10.24 8.16
CA MET A 27 9.06 -10.53 8.06
C MET A 27 8.63 -10.73 6.65
N ALA A 28 9.01 -9.79 5.79
CA ALA A 28 8.61 -9.84 4.39
C ALA A 28 9.18 -11.07 3.70
N ALA A 29 10.42 -11.41 4.00
CA ALA A 29 11.01 -12.58 3.36
C ALA A 29 10.32 -13.86 3.80
N PHE A 30 9.96 -13.97 5.08
CA PHE A 30 9.21 -15.13 5.56
C PHE A 30 7.85 -15.22 4.87
N MET A 31 7.14 -14.09 4.77
CA MET A 31 5.83 -14.10 4.14
C MET A 31 5.92 -14.37 2.65
N LYS A 32 6.94 -13.84 1.96
CA LYS A 32 7.15 -14.22 0.57
C LYS A 32 7.32 -15.73 0.44
N GLY A 33 8.13 -16.32 1.31
CA GLY A 33 8.30 -17.76 1.32
C GLY A 33 7.00 -18.49 1.55
N ALA A 34 6.16 -17.97 2.45
CA ALA A 34 4.86 -18.58 2.70
C ALA A 34 3.97 -18.49 1.47
N VAL A 35 3.91 -17.32 0.84
CA VAL A 35 3.11 -17.21 -0.38
C VAL A 35 3.59 -18.20 -1.43
N GLU A 36 4.90 -18.39 -1.53
CA GLU A 36 5.45 -19.25 -2.55
C GLU A 36 5.19 -20.73 -2.27
N LYS A 37 4.63 -21.08 -1.12
CA LYS A 37 4.18 -22.44 -0.94
C LYS A 37 2.95 -22.77 -1.78
N GLY A 38 2.25 -21.76 -2.28
CA GLY A 38 1.24 -21.97 -3.29
C GLY A 38 -0.16 -22.11 -2.77
N GLU A 39 -0.34 -22.13 -1.48
CA GLU A 39 -1.66 -22.17 -0.87
C GLU A 39 -2.16 -20.74 -0.65
N GLU A 40 -3.48 -20.59 -0.67
CA GLU A 40 -4.06 -19.30 -0.36
C GLU A 40 -3.69 -18.90 1.06
N LEU A 41 -3.73 -17.60 1.31
CA LEU A 41 -3.46 -17.03 2.62
C LEU A 41 -4.78 -16.82 3.35
N SER A 42 -4.76 -17.10 4.65
CA SER A 42 -5.87 -16.75 5.49
C SER A 42 -5.93 -15.24 5.72
N CYS A 43 -6.98 -14.81 6.41
CA CYS A 43 -7.15 -13.39 6.74
C CYS A 43 -5.98 -12.85 7.55
N GLU A 44 -5.55 -13.58 8.59
CA GLU A 44 -4.44 -13.13 9.42
C GLU A 44 -3.13 -13.13 8.63
N GLU A 45 -2.95 -14.12 7.76
CA GLU A 45 -1.73 -14.21 6.96
C GLU A 45 -1.66 -13.07 5.95
N ARG A 46 -2.80 -12.70 5.37
CA ARG A 46 -2.81 -11.55 4.46
C ARG A 46 -2.34 -10.31 5.19
N ASN A 47 -2.78 -10.13 6.43
CA ASN A 47 -2.35 -8.97 7.19
C ASN A 47 -0.86 -9.03 7.46
N LEU A 48 -0.31 -10.22 7.73
CA LEU A 48 1.15 -10.29 7.93
C LEU A 48 1.90 -9.88 6.67
N LEU A 49 1.44 -10.33 5.51
CA LEU A 49 2.09 -9.98 4.25
C LEU A 49 2.04 -8.48 4.03
N SER A 50 0.89 -7.87 4.22
CA SER A 50 0.77 -6.46 3.93
C SER A 50 1.56 -5.62 4.92
N VAL A 51 1.54 -5.98 6.19
CA VAL A 51 2.28 -5.21 7.18
C VAL A 51 3.77 -5.25 6.87
N ALA A 52 4.27 -6.45 6.54
CA ALA A 52 5.70 -6.61 6.31
C ALA A 52 6.15 -5.69 5.20
N TYR A 53 5.52 -5.79 4.05
CA TYR A 53 5.97 -5.01 2.91
C TYR A 53 5.63 -3.55 3.05
N LYS A 54 4.53 -3.22 3.72
CA LYS A 54 4.22 -1.82 3.96
C LYS A 54 5.32 -1.14 4.75
N ASN A 55 5.89 -1.84 5.74
CA ASN A 55 6.91 -1.24 6.58
C ASN A 55 8.24 -1.17 5.84
N VAL A 56 8.57 -2.19 5.06
CA VAL A 56 9.81 -2.16 4.26
C VAL A 56 9.78 -0.98 3.29
N VAL A 57 8.74 -0.93 2.45
CA VAL A 57 8.71 0.09 1.42
C VAL A 57 8.46 1.45 2.06
N GLY A 58 7.77 1.49 3.21
CA GLY A 58 7.62 2.76 3.90
C GLY A 58 8.94 3.38 4.29
N GLY A 59 9.85 2.58 4.85
CA GLY A 59 11.18 3.08 5.16
C GLY A 59 11.93 3.52 3.90
N GLN A 60 11.82 2.75 2.83
CA GLN A 60 12.50 3.14 1.59
C GLN A 60 11.95 4.44 1.07
N ARG A 61 10.63 4.60 1.12
CA ARG A 61 10.00 5.83 0.66
C ARG A 61 10.46 7.02 1.49
N ALA A 62 10.48 6.87 2.81
CA ALA A 62 10.93 7.96 3.66
C ALA A 62 12.37 8.37 3.32
N ALA A 63 13.23 7.39 3.10
CA ALA A 63 14.61 7.71 2.72
C ALA A 63 14.67 8.37 1.35
N TRP A 64 13.92 7.82 0.37
CA TRP A 64 13.89 8.40 -0.96
C TRP A 64 13.48 9.86 -0.88
N ARG A 65 12.51 10.18 -0.01
CA ARG A 65 12.03 11.54 0.05
C ARG A 65 13.10 12.47 0.61
N VAL A 66 13.82 12.00 1.63
CA VAL A 66 14.93 12.78 2.19
C VAL A 66 15.94 13.10 1.09
N LEU A 67 16.34 12.07 0.32
CA LEU A 67 17.40 12.23 -0.67
C LEU A 67 16.93 13.08 -1.85
N SER A 68 15.69 12.86 -2.29
CA SER A 68 15.14 13.66 -3.38
C SER A 68 15.09 15.13 -3.00
N SER A 69 14.76 15.42 -1.76
CA SER A 69 14.73 16.81 -1.33
C SER A 69 16.14 17.40 -1.31
N ILE A 70 17.12 16.63 -0.84
CA ILE A 70 18.50 17.10 -0.93
C ILE A 70 18.88 17.34 -2.39
N GLU A 71 18.51 16.40 -3.27
CA GLU A 71 18.85 16.48 -4.69
C GLU A 71 18.24 17.74 -5.29
N GLN A 72 16.98 18.00 -4.97
CA GLN A 72 16.33 19.17 -5.56
C GLN A 72 17.00 20.46 -5.11
N LYS A 73 17.25 20.60 -3.81
CA LYS A 73 17.96 21.79 -3.34
C LYS A 73 19.32 21.88 -4.01
N SER A 74 20.01 20.75 -4.18
CA SER A 74 21.31 20.76 -4.83
C SER A 74 21.25 21.24 -6.26
N ASN A 75 20.06 21.22 -6.87
CA ASN A 75 19.84 21.70 -8.22
C ASN A 75 19.05 23.00 -8.24
N GLU A 76 19.27 23.86 -7.25
CA GLU A 76 18.70 25.20 -7.25
C GLU A 76 19.70 26.20 -7.83
N GLU A 77 19.22 27.41 -8.12
CA GLU A 77 20.10 28.47 -8.57
C GLU A 77 20.97 28.95 -7.41
N GLY A 78 22.29 28.94 -7.60
CA GLY A 78 23.21 29.33 -6.56
C GLY A 78 23.69 28.20 -5.69
N SER A 79 23.31 26.96 -6.00
CA SER A 79 23.77 25.79 -5.26
C SER A 79 25.09 25.31 -5.86
N GLU A 80 26.08 25.07 -5.00
CA GLU A 80 27.34 24.50 -5.45
C GLU A 80 27.10 23.11 -6.01
N GLU A 81 27.57 22.88 -7.24
CA GLU A 81 27.49 21.55 -7.83
C GLU A 81 28.33 20.57 -7.02
N LYS A 82 27.69 19.70 -6.25
CA LYS A 82 28.41 18.81 -5.33
C LYS A 82 28.66 17.43 -5.93
N GLY A 83 28.56 17.30 -7.25
CA GLY A 83 28.91 16.08 -7.93
C GLY A 83 27.73 15.14 -8.06
N PRO A 84 28.00 13.94 -8.56
CA PRO A 84 26.93 13.00 -8.86
C PRO A 84 26.42 12.20 -7.66
N GLU A 85 26.97 12.42 -6.47
CA GLU A 85 26.76 11.47 -5.38
C GLU A 85 25.30 11.45 -4.91
N VAL A 86 24.67 12.62 -4.80
CA VAL A 86 23.29 12.65 -4.30
C VAL A 86 22.36 11.96 -5.28
N ARG A 87 22.50 12.26 -6.57
CA ARG A 87 21.71 11.54 -7.57
C ARG A 87 21.99 10.05 -7.50
N GLU A 88 23.26 9.66 -7.42
CA GLU A 88 23.59 8.23 -7.39
C GLU A 88 22.92 7.53 -6.23
N TYR A 89 23.04 8.11 -5.04
CA TYR A 89 22.52 7.42 -3.87
C TYR A 89 21.00 7.44 -3.86
N ARG A 90 20.38 8.53 -4.31
CA ARG A 90 18.93 8.52 -4.54
C ARG A 90 18.53 7.41 -5.50
N GLU A 91 19.26 7.25 -6.61
CA GLU A 91 19.00 6.18 -7.57
C GLU A 91 19.15 4.80 -6.93
N LYS A 92 20.15 4.64 -6.07
CA LYS A 92 20.35 3.36 -5.38
C LYS A 92 19.13 3.00 -4.57
N VAL A 93 18.66 3.95 -3.73
CA VAL A 93 17.48 3.70 -2.91
C VAL A 93 16.27 3.48 -3.79
N GLU A 94 16.14 4.28 -4.84
CA GLU A 94 15.02 4.13 -5.77
C GLU A 94 14.98 2.75 -6.40
N THR A 95 16.12 2.25 -6.86
CA THR A 95 16.15 0.94 -7.51
C THR A 95 15.80 -0.16 -6.52
N GLU A 96 16.25 -0.02 -5.27
CA GLU A 96 15.91 -1.01 -4.25
C GLU A 96 14.41 -0.97 -3.96
N LEU A 97 13.84 0.24 -3.86
CA LEU A 97 12.39 0.39 -3.66
C LEU A 97 11.63 -0.24 -4.80
N GLN A 98 12.05 0.03 -6.03
CA GLN A 98 11.39 -0.55 -7.18
C GLN A 98 11.47 -2.06 -7.14
N GLY A 99 12.62 -2.58 -6.69
CA GLY A 99 12.77 -4.01 -6.59
C GLY A 99 11.76 -4.63 -5.64
N VAL A 100 11.55 -4.00 -4.49
CA VAL A 100 10.58 -4.51 -3.53
C VAL A 100 9.18 -4.41 -4.09
N CYS A 101 8.83 -3.27 -4.69
CA CYS A 101 7.51 -3.17 -5.32
C CYS A 101 7.32 -4.26 -6.38
N ASP A 102 8.34 -4.50 -7.21
CA ASP A 102 8.20 -5.52 -8.24
C ASP A 102 8.02 -6.90 -7.61
N THR A 103 8.70 -7.15 -6.50
CA THR A 103 8.54 -8.44 -5.83
C THR A 103 7.12 -8.62 -5.33
N VAL A 104 6.58 -7.60 -4.67
CA VAL A 104 5.21 -7.67 -4.18
C VAL A 104 4.24 -7.84 -5.34
N LEU A 105 4.39 -7.02 -6.39
CA LEU A 105 3.49 -7.13 -7.53
C LEU A 105 3.58 -8.50 -8.16
N GLY A 106 4.76 -9.12 -8.12
CA GLY A 106 4.93 -10.46 -8.66
C GLY A 106 4.23 -11.52 -7.83
N LEU A 107 4.29 -11.40 -6.50
CA LEU A 107 3.53 -12.30 -5.65
C LEU A 107 2.03 -12.17 -5.91
N LEU A 108 1.54 -10.93 -6.05
CA LEU A 108 0.11 -10.76 -6.29
C LEU A 108 -0.30 -11.37 -7.63
N ASP A 109 0.56 -11.21 -8.64
CA ASP A 109 0.27 -11.78 -9.95
C ASP A 109 0.55 -13.28 -10.06
N SER A 110 1.35 -13.84 -9.16
CA SER A 110 1.72 -15.27 -9.18
C SER A 110 1.67 -15.86 -7.76
N HIS A 111 0.48 -16.17 -7.26
CA HIS A 111 -0.76 -16.26 -8.00
C HIS A 111 -1.88 -15.86 -7.02
N LEU A 112 -1.59 -14.90 -6.15
CA LEU A 112 -2.55 -14.51 -5.11
C LEU A 112 -3.86 -13.99 -5.70
N ILE A 113 -3.79 -13.06 -6.65
CA ILE A 113 -5.01 -12.46 -7.15
C ILE A 113 -5.85 -13.48 -7.91
N LYS A 114 -5.21 -14.27 -8.78
CA LYS A 114 -6.01 -15.16 -9.61
C LYS A 114 -6.75 -16.20 -8.78
N GLU A 115 -6.25 -16.57 -7.61
CA GLU A 115 -6.91 -17.57 -6.77
C GLU A 115 -7.80 -16.97 -5.71
N ALA A 116 -7.90 -15.64 -5.63
CA ALA A 116 -8.71 -14.98 -4.60
C ALA A 116 -10.11 -14.75 -5.13
N GLY A 117 -11.09 -15.43 -4.53
CA GLY A 117 -12.45 -15.33 -5.00
C GLY A 117 -13.41 -14.68 -4.01
N ASP A 118 -13.10 -14.81 -2.72
CA ASP A 118 -13.90 -14.12 -1.73
C ASP A 118 -13.58 -12.63 -1.77
N ALA A 119 -14.61 -11.82 -1.56
CA ALA A 119 -14.42 -10.37 -1.63
C ALA A 119 -13.29 -9.90 -0.70
N GLU A 120 -13.21 -10.45 0.52
CA GLU A 120 -12.24 -9.92 1.48
C GLU A 120 -10.81 -10.24 1.08
N SER A 121 -10.58 -11.30 0.33
CA SER A 121 -9.22 -11.47 -0.19
C SER A 121 -8.99 -10.73 -1.51
N ARG A 122 -9.97 -10.77 -2.41
CA ARG A 122 -9.77 -10.17 -3.73
C ARG A 122 -9.56 -8.67 -3.62
N VAL A 123 -10.38 -8.00 -2.80
CA VAL A 123 -10.23 -6.55 -2.62
C VAL A 123 -8.92 -6.24 -1.92
N PHE A 124 -8.57 -7.04 -0.91
CA PHE A 124 -7.31 -6.84 -0.19
C PHE A 124 -6.15 -6.85 -1.17
N TYR A 125 -6.07 -7.87 -2.01
CA TYR A 125 -4.92 -7.99 -2.89
C TYR A 125 -4.93 -6.93 -3.97
N LEU A 126 -6.11 -6.57 -4.50
CA LEU A 126 -6.15 -5.53 -5.51
C LEU A 126 -5.79 -4.17 -4.91
N LYS A 127 -6.19 -3.91 -3.66
CA LYS A 127 -5.72 -2.72 -2.98
C LYS A 127 -4.18 -2.71 -2.89
N MET A 128 -3.57 -3.82 -2.47
CA MET A 128 -2.10 -3.86 -2.43
C MET A 128 -1.53 -3.59 -3.81
N LYS A 129 -2.13 -4.17 -4.84
CA LYS A 129 -1.63 -3.95 -6.19
C LYS A 129 -1.66 -2.46 -6.55
N GLY A 130 -2.77 -1.79 -6.25
CA GLY A 130 -2.82 -0.35 -6.43
C GLY A 130 -1.78 0.37 -5.59
N ASP A 131 -1.63 -0.03 -4.34
CA ASP A 131 -0.64 0.61 -3.47
C ASP A 131 0.77 0.51 -4.06
N TYR A 132 1.20 -0.68 -4.50
CA TYR A 132 2.59 -0.83 -4.93
C TYR A 132 2.81 -0.21 -6.31
N TYR A 133 1.79 -0.17 -7.17
CA TYR A 133 1.96 0.65 -8.38
C TYR A 133 2.00 2.13 -8.01
N ARG A 134 1.26 2.54 -6.99
CA ARG A 134 1.33 3.93 -6.53
C ARG A 134 2.74 4.28 -6.07
N TYR A 135 3.37 3.38 -5.31
CA TYR A 135 4.73 3.65 -4.85
C TYR A 135 5.69 3.69 -6.05
N LEU A 136 5.48 2.82 -7.03
CA LEU A 136 6.28 2.95 -8.25
C LEU A 136 6.04 4.30 -8.91
N ALA A 137 4.80 4.78 -8.88
CA ALA A 137 4.48 6.05 -9.53
C ALA A 137 5.13 7.22 -8.84
N GLU A 138 5.28 7.13 -7.51
CA GLU A 138 5.87 8.22 -6.75
C GLU A 138 7.28 8.53 -7.22
N VAL A 139 7.99 7.55 -7.78
CA VAL A 139 9.38 7.74 -8.21
C VAL A 139 9.53 7.70 -9.72
N ALA A 140 8.43 7.58 -10.47
CA ALA A 140 8.52 7.36 -11.90
C ALA A 140 8.67 8.68 -12.62
N THR A 141 9.42 8.65 -13.72
CA THR A 141 9.60 9.79 -14.61
C THR A 141 9.59 9.45 -16.10
N GLY A 142 10.04 8.26 -16.51
CA GLY A 142 10.18 7.94 -17.91
C GLY A 142 8.93 7.68 -18.74
N ASP A 143 9.12 6.99 -19.87
CA ASP A 143 8.04 6.80 -20.83
C ASP A 143 6.85 6.06 -20.21
N ASP A 144 7.11 5.20 -19.22
CA ASP A 144 6.06 4.37 -18.66
C ASP A 144 5.46 4.94 -17.38
N LYS A 145 5.76 6.19 -17.05
CA LYS A 145 5.13 6.80 -15.89
C LYS A 145 3.60 6.77 -16.01
N LYS A 146 3.06 7.18 -17.16
CA LYS A 146 1.61 7.20 -17.26
C LYS A 146 1.02 5.80 -17.16
N ARG A 147 1.75 4.79 -17.68
CA ARG A 147 1.23 3.43 -17.62
C ARG A 147 1.25 2.93 -16.19
N ILE A 148 2.27 3.32 -15.42
CA ILE A 148 2.31 2.93 -14.01
C ILE A 148 1.15 3.52 -13.24
N ILE A 149 0.88 4.81 -13.48
CA ILE A 149 -0.27 5.47 -12.85
C ILE A 149 -1.55 4.78 -13.26
N ASP A 150 -1.69 4.42 -14.53
CA ASP A 150 -2.95 3.79 -14.90
C ASP A 150 -3.08 2.40 -14.33
N SER A 151 -1.95 1.67 -14.18
CA SER A 151 -1.98 0.38 -13.52
C SER A 151 -2.45 0.50 -12.08
N ALA A 152 -2.01 1.53 -11.38
CA ALA A 152 -2.47 1.74 -10.02
C ALA A 152 -3.96 2.02 -10.02
N ARG A 153 -4.40 2.94 -10.89
CA ARG A 153 -5.81 3.33 -10.98
C ARG A 153 -6.68 2.12 -11.28
N SER A 154 -6.23 1.28 -12.21
CA SER A 154 -7.03 0.14 -12.66
C SER A 154 -7.21 -0.88 -11.56
N ALA A 155 -6.15 -1.15 -10.80
CA ALA A 155 -6.26 -2.05 -9.68
C ALA A 155 -7.18 -1.49 -8.59
N TYR A 156 -6.95 -0.23 -8.23
CA TYR A 156 -7.82 0.39 -7.23
C TYR A 156 -9.28 0.38 -7.67
N GLN A 157 -9.53 0.64 -8.95
CA GLN A 157 -10.91 0.72 -9.44
C GLN A 157 -11.58 -0.65 -9.38
N GLU A 158 -10.88 -1.71 -9.80
CA GLU A 158 -11.46 -3.05 -9.69
C GLU A 158 -11.76 -3.38 -8.24
N ALA A 159 -10.82 -3.02 -7.33
CA ALA A 159 -11.04 -3.25 -5.91
C ALA A 159 -12.25 -2.46 -5.43
N MET A 160 -12.40 -1.22 -5.91
CA MET A 160 -13.52 -0.38 -5.48
C MET A 160 -14.82 -0.97 -5.93
N ASP A 161 -14.87 -1.44 -7.18
CA ASP A 161 -16.13 -1.97 -7.71
C ASP A 161 -16.57 -3.20 -6.92
N ILE A 162 -15.63 -4.12 -6.62
CA ILE A 162 -15.98 -5.29 -5.83
C ILE A 162 -16.42 -4.88 -4.43
N SER A 163 -15.68 -3.94 -3.81
CA SER A 163 -15.94 -3.58 -2.42
C SER A 163 -17.33 -2.99 -2.26
N LYS A 164 -17.76 -2.19 -3.23
CA LYS A 164 -19.08 -1.59 -3.13
C LYS A 164 -20.19 -2.60 -3.35
N LYS A 165 -19.92 -3.66 -4.12
CA LYS A 165 -20.94 -4.68 -4.36
C LYS A 165 -21.02 -5.68 -3.21
N GLU A 166 -19.89 -5.94 -2.54
CA GLU A 166 -19.75 -7.16 -1.75
C GLU A 166 -19.43 -6.90 -0.30
N MET A 167 -19.18 -5.67 0.05
CA MET A 167 -18.85 -5.36 1.43
C MET A 167 -19.67 -4.23 2.00
N PRO A 168 -19.93 -4.29 3.30
CA PRO A 168 -20.57 -3.15 3.91
C PRO A 168 -19.73 -1.91 3.90
N PRO A 169 -20.33 -0.73 4.00
CA PRO A 169 -19.53 0.49 3.94
C PRO A 169 -18.56 0.65 5.06
N THR A 170 -18.76 -0.03 6.19
CA THR A 170 -17.85 0.07 7.33
C THR A 170 -16.75 -0.97 7.32
N ASN A 171 -16.73 -1.86 6.33
CA ASN A 171 -15.70 -2.87 6.28
CA ASN A 171 -15.70 -2.87 6.28
C ASN A 171 -14.32 -2.22 6.27
N PRO A 172 -13.41 -2.60 7.17
CA PRO A 172 -12.11 -1.90 7.22
C PRO A 172 -11.32 -1.98 5.93
N ILE A 173 -11.42 -3.09 5.19
CA ILE A 173 -10.70 -3.19 3.93
C ILE A 173 -11.29 -2.22 2.91
N ARG A 174 -12.62 -2.17 2.84
CA ARG A 174 -13.28 -1.19 1.98
C ARG A 174 -12.87 0.24 2.35
N LEU A 175 -12.86 0.54 3.65
CA LEU A 175 -12.49 1.87 4.10
C LEU A 175 -11.03 2.21 3.79
N GLY A 176 -10.14 1.27 4.01
CA GLY A 176 -8.73 1.55 3.77
C GLY A 176 -8.43 1.69 2.28
N LEU A 177 -9.11 0.90 1.47
CA LEU A 177 -9.01 1.02 0.04
C LEU A 177 -9.44 2.42 -0.39
N ALA A 178 -10.59 2.89 0.09
CA ALA A 178 -11.04 4.23 -0.27
C ALA A 178 -10.08 5.30 0.22
N LEU A 179 -9.57 5.16 1.44
CA LEU A 179 -8.55 6.08 1.94
C LEU A 179 -7.39 6.19 0.97
N ASN A 180 -6.83 5.05 0.56
CA ASN A 180 -5.63 5.08 -0.27
C ASN A 180 -5.92 5.51 -1.70
N PHE A 181 -7.06 5.08 -2.27
CA PHE A 181 -7.41 5.53 -3.62
C PHE A 181 -7.60 7.04 -3.62
N SER A 182 -8.20 7.58 -2.55
CA SER A 182 -8.35 9.03 -2.43
C SER A 182 -6.98 9.71 -2.41
N VAL A 183 -6.02 9.13 -1.70
CA VAL A 183 -4.67 9.70 -1.70
C VAL A 183 -4.05 9.56 -3.08
N PHE A 184 -4.28 8.43 -3.75
CA PHE A 184 -3.82 8.28 -5.13
C PHE A 184 -4.35 9.43 -5.99
N HIS A 185 -5.64 9.73 -5.90
CA HIS A 185 -6.18 10.84 -6.68
C HIS A 185 -5.48 12.16 -6.33
N TYR A 186 -5.27 12.44 -5.04
CA TYR A 186 -4.75 13.74 -4.64
C TYR A 186 -3.28 13.91 -5.02
N GLU A 187 -2.46 12.89 -4.75
CA GLU A 187 -1.02 12.99 -4.81
C GLU A 187 -0.42 12.49 -6.11
N ILE A 188 -1.09 11.58 -6.82
CA ILE A 188 -0.55 10.93 -7.99
C ILE A 188 -1.25 11.40 -9.27
N ALA A 189 -2.58 11.44 -9.27
CA ALA A 189 -3.36 11.67 -10.48
C ALA A 189 -3.75 13.13 -10.64
N ASN A 190 -3.27 14.02 -9.78
CA ASN A 190 -3.55 15.44 -9.93
C ASN A 190 -5.06 15.68 -9.96
N SER A 191 -5.79 14.99 -9.09
CA SER A 191 -7.26 15.04 -9.03
C SER A 191 -7.75 15.31 -7.62
N PRO A 192 -7.36 16.45 -7.03
CA PRO A 192 -7.78 16.73 -5.64
C PRO A 192 -9.30 16.71 -5.47
N GLU A 193 -10.07 17.13 -6.46
CA GLU A 193 -11.52 17.14 -6.26
C GLU A 193 -12.06 15.72 -6.12
N GLU A 194 -11.55 14.80 -6.93
CA GLU A 194 -11.95 13.40 -6.80
C GLU A 194 -11.50 12.84 -5.47
N ALA A 195 -10.32 13.21 -5.02
CA ALA A 195 -9.82 12.72 -3.73
C ALA A 195 -10.73 13.15 -2.60
N ILE A 196 -11.10 14.42 -2.57
CA ILE A 196 -11.98 14.97 -1.54
C ILE A 196 -13.37 14.34 -1.62
N SER A 197 -13.93 14.23 -2.83
CA SER A 197 -15.26 13.63 -2.98
C SER A 197 -15.28 12.19 -2.51
N LEU A 198 -14.25 11.42 -2.89
CA LEU A 198 -14.20 10.03 -2.47
C LEU A 198 -14.06 9.94 -0.95
N ALA A 199 -13.20 10.74 -0.34
CA ALA A 199 -13.04 10.65 1.11
C ALA A 199 -14.33 11.05 1.83
N LYS A 200 -15.04 12.06 1.34
CA LYS A 200 -16.23 12.50 2.04
C LYS A 200 -17.35 11.49 1.89
N THR A 201 -17.59 11.01 0.66
CA THR A 201 -18.62 10.01 0.46
C THR A 201 -18.36 8.77 1.29
N THR A 202 -17.10 8.32 1.29
CA THR A 202 -16.76 7.13 2.06
C THR A 202 -17.04 7.34 3.54
N PHE A 203 -16.63 8.49 4.07
CA PHE A 203 -16.84 8.76 5.49
C PHE A 203 -18.33 8.79 5.81
N ASP A 204 -19.11 9.51 5.01
CA ASP A 204 -20.53 9.65 5.32
C ASP A 204 -21.26 8.32 5.26
N GLU A 205 -20.96 7.49 4.25
CA GLU A 205 -21.64 6.20 4.11
C GLU A 205 -21.22 5.24 5.21
N ALA A 206 -19.99 5.34 5.69
CA ALA A 206 -19.59 4.52 6.82
C ALA A 206 -20.29 4.98 8.11
N MET A 207 -20.36 6.30 8.33
CA MET A 207 -21.05 6.81 9.52
C MET A 207 -22.43 6.18 9.65
N ALA A 208 -23.16 6.13 8.53
CA ALA A 208 -24.54 5.66 8.51
C ALA A 208 -24.68 4.16 8.67
N ASP A 209 -23.58 3.40 8.62
CA ASP A 209 -23.57 1.95 8.80
C ASP A 209 -22.99 1.51 10.13
N LEU A 210 -22.50 2.44 10.94
CA LEU A 210 -21.93 2.08 12.22
C LEU A 210 -22.95 1.41 13.13
N HIS A 211 -24.22 1.75 13.00
CA HIS A 211 -25.21 1.24 13.96
C HIS A 211 -25.37 -0.27 13.89
N THR A 212 -24.86 -0.91 12.84
CA THR A 212 -25.06 -2.35 12.67
C THR A 212 -23.98 -3.16 13.35
N LEU A 213 -22.92 -2.50 13.82
CA LEU A 213 -21.70 -3.17 14.26
C LEU A 213 -21.73 -3.45 15.74
N SER A 214 -21.02 -4.51 16.12
CA SER A 214 -20.66 -4.73 17.52
C SER A 214 -19.62 -3.71 17.95
N GLU A 215 -19.35 -3.70 19.27
CA GLU A 215 -18.39 -2.75 19.83
C GLU A 215 -17.01 -2.89 19.19
N ASP A 216 -16.57 -4.13 18.92
CA ASP A 216 -15.22 -4.29 18.38
C ASP A 216 -15.13 -3.90 16.91
N SER A 217 -16.15 -4.25 16.12
CA SER A 217 -16.18 -3.86 14.71
C SER A 217 -16.20 -2.34 14.58
N TYR A 218 -16.85 -1.66 15.52
CA TYR A 218 -16.61 -0.26 15.85
C TYR A 218 -15.21 -0.07 16.44
N LYS A 219 -14.15 -0.34 15.67
CA LYS A 219 -12.79 0.02 16.12
C LYS A 219 -11.82 0.33 14.99
N ASP A 220 -11.22 -0.69 14.33
CA ASP A 220 -10.44 -0.35 13.14
C ASP A 220 -11.25 0.51 12.17
N SER A 221 -12.57 0.31 12.14
CA SER A 221 -13.45 1.11 11.27
C SER A 221 -13.41 2.59 11.64
N THR A 222 -13.79 2.92 12.88
CA THR A 222 -13.71 4.34 13.24
C THR A 222 -12.27 4.82 13.19
N LEU A 223 -11.33 3.92 13.40
CA LEU A 223 -9.92 4.24 13.19
C LEU A 223 -9.64 4.74 11.78
N ILE A 224 -10.10 4.01 10.77
CA ILE A 224 -9.81 4.45 9.42
C ILE A 224 -10.67 5.66 9.06
N MET A 225 -11.86 5.75 9.64
CA MET A 225 -12.72 6.89 9.39
C MET A 225 -12.03 8.17 9.86
N GLN A 226 -11.34 8.08 11.00
CA GLN A 226 -10.60 9.23 11.49
C GLN A 226 -9.47 9.60 10.54
N LEU A 227 -8.86 8.62 9.86
CA LEU A 227 -7.85 8.97 8.87
C LEU A 227 -8.46 9.68 7.66
N LEU A 228 -9.65 9.24 7.22
CA LEU A 228 -10.36 9.96 6.16
C LEU A 228 -10.62 11.41 6.57
N ARG A 229 -11.07 11.60 7.81
CA ARG A 229 -11.32 12.97 8.28
C ARG A 229 -10.03 13.76 8.36
N ASP A 230 -8.95 13.14 8.85
CA ASP A 230 -7.66 13.82 8.91
C ASP A 230 -7.28 14.33 7.53
N ASN A 231 -7.44 13.48 6.51
CA ASN A 231 -7.06 13.88 5.16
C ASN A 231 -7.94 15.00 4.66
N LEU A 232 -9.25 14.92 4.91
CA LEU A 232 -10.14 15.99 4.50
C LEU A 232 -9.75 17.31 5.15
N THR A 233 -9.34 17.27 6.41
CA THR A 233 -8.92 18.48 7.11
C THR A 233 -7.64 19.04 6.51
N LEU A 234 -6.72 18.15 6.12
CA LEU A 234 -5.52 18.61 5.44
C LEU A 234 -5.85 19.25 4.10
N TRP A 235 -6.89 18.77 3.44
CA TRP A 235 -7.17 19.13 2.07
C TRP A 235 -8.16 20.26 1.92
N THR A 236 -8.81 20.69 3.00
CA THR A 236 -9.84 21.71 2.87
C THR A 236 -9.67 22.79 3.94
N PHE B 1 2.62 14.59 4.66
CA PHE B 1 1.95 13.63 3.79
C PHE B 1 0.59 13.21 4.33
N PRO B 2 -0.33 12.86 3.43
CA PRO B 2 -1.65 12.40 3.86
C PRO B 2 -1.57 10.96 4.35
N ALA B 3 -2.60 10.55 5.08
CA ALA B 3 -2.59 9.24 5.70
C ALA B 3 -3.07 8.13 4.78
N TPO B 4 -2.37 6.98 4.81
CA TPO B 4 -2.74 5.78 4.08
CB TPO B 4 -1.84 5.58 2.80
CG2 TPO B 4 -2.17 6.70 1.83
OG1 TPO B 4 -0.53 5.58 3.35
P TPO B 4 0.63 5.16 2.31
O1P TPO B 4 1.87 4.96 3.29
O2P TPO B 4 0.90 6.29 1.37
O3P TPO B 4 0.21 3.82 1.58
C TPO B 4 -2.61 4.62 5.06
O TPO B 4 -2.01 4.74 6.14
HA TPO B 4 -3.66 5.83 3.73
HB TPO B 4 -1.99 4.66 2.22
HG21 TPO B 4 -1.83 7.64 2.25
HG22 TPO B 4 -3.25 6.73 1.66
HG23 TPO B 4 -1.66 6.51 0.88
N VAL B 5 -3.24 3.49 4.72
CA VAL B 5 -3.25 2.33 5.59
C VAL B 5 -2.92 1.08 4.82
MG MG C . -17.99 8.06 -7.36
MG MG D . 5.05 -28.89 4.36
MG MG E . 15.78 5.37 -11.54
C01 SKR F . -6.12 -0.11 10.77
C02 SKR F . -5.72 -1.50 11.09
C03 SKR F . -4.92 -1.53 12.45
C05 SKR F . -5.29 -0.40 14.69
C06 SKR F . -3.84 0.14 14.68
C08 SKR F . -4.77 -2.09 10.05
C09 SKR F . -4.82 -3.46 9.38
C10 SKR F . -3.67 -3.61 8.51
C11 SKR F . -2.58 -2.69 9.12
C13 SKR F . -3.42 -1.51 9.66
C14 SKR F . -3.22 -5.10 8.42
C15 SKR F . -3.94 -3.13 7.04
C16 SKR F . -5.30 -2.78 6.45
C17 SKR F . -6.55 -2.62 7.03
C18 SKR F . -7.29 -1.76 5.89
C19 SKR F . -6.77 -2.48 4.56
C20 SKR F . -5.41 -2.55 4.81
C21 SKR F . -4.69 -3.66 4.07
C23 SKR F . -4.20 -4.25 1.83
C24 SKR F . -7.36 -4.00 7.38
C25 SKR F . -6.81 -5.24 6.68
C26 SKR F . -7.35 -4.02 8.91
C28 SKR F . -5.98 -4.44 9.50
N04 SKR F . -5.78 -1.22 13.62
O07 SKR F . -5.97 -0.18 15.61
O12 SKR F . -1.68 -2.21 8.22
O22 SKR F . -4.74 -3.24 2.71
O27 SKR F . -8.25 -4.97 9.43
O29 SKR F . -6.07 -4.75 10.88
H012 SKR F . -6.74 0.22 11.43
H011 SKR F . -6.53 -0.09 9.89
H013 SKR F . -5.33 0.46 10.76
H021 SKR F . -6.55 -2.01 11.14
H032 SKR F . -4.54 -2.41 12.57
H031 SKR F . -4.21 -0.86 12.40
H061 SKR F . -3.69 0.65 15.49
H062 SKR F . -3.71 0.71 13.90
H063 SKR F . -3.21 -0.60 14.64
H111 SKR F . -2.06 -3.17 9.80
H132 SKR F . -2.99 -1.12 10.44
H131 SKR F . -3.54 -0.84 8.96
H143 SKR F . -3.28 -5.51 9.31
H142 SKR F . -2.30 -5.13 8.12
H141 SKR F . -3.78 -5.57 7.81
H151 SKR F . -3.20 -3.05 6.48
H171 SKR F . -6.49 -2.16 7.88
H181 SKR F . -7.00 -0.82 5.93
H182 SKR F . -8.26 -1.81 5.97
H191 SKR F . -6.96 -1.95 3.77
H192 SKR F . -7.15 -3.37 4.47
H201 SKR F . -5.01 -1.70 4.54
H211 SKR F . -5.13 -4.51 4.19
H212 SKR F . -3.76 -3.73 4.37
H233 SKR F . -4.36 -3.99 0.90
H232 SKR F . -4.65 -5.10 2.00
H231 SKR F . -3.25 -4.34 1.98
H241 SKR F . -8.25 -4.05 7.02
H251 SKR F . -5.86 -5.32 6.85
H252 SKR F . -6.96 -5.16 5.71
H253 SKR F . -7.27 -6.03 7.00
H261 SKR F . -7.62 -3.13 9.16
H281 SKR F . -5.77 -5.24 8.97
H041 SKR F . -6.58 -1.52 13.65
H121 SKR F . -0.92 -2.13 8.61
H271 SKR F . -9.03 -4.63 9.45
H291 SKR F . -6.83 -4.52 11.19
#